data_4OFX
#
_entry.id   4OFX
#
_cell.length_a   67.171
_cell.length_b   99.739
_cell.length_c   42.497
_cell.angle_alpha   90.000
_cell.angle_beta   90.000
_cell.angle_gamma   90.000
#
_symmetry.space_group_name_H-M   'P 21 21 2'
#
loop_
_entity.id
_entity.type
_entity.pdbx_description
1 polymer 'Cystathionine beta-synthase'
2 non-polymer 'SODIUM ION'
3 water water
#
_entity_poly.entity_id   1
_entity_poly.type   'polypeptide(L)'
_entity_poly.pdbx_seq_one_letter_code
;SNAMVLDNILQVIGKTPVVRLHRIGQSLPCELYGKCEFLNPGGSVKDRIGAAMIESAEKQGKIKPGDTLIEPTSGNTGIG
IALAGAVKGYRVIITMPEKMSHEKQVVLEALGATIYRTPTEAAYDDPESHISLAKRLNQEIPNSYILDQYSNAENPDIHY
QTTGQEILDDMGENLSMVVMGVGTGGTIIGVAKKLKEVNPSIQIIGVDPIGSILGGGDEIKPYLVEGIGYDFIPEVLDNN
LIDEYIKINDKDSFLMARRLIREEGLLVGGSSGSAVWAACQAAQRLKEGERCLVILPDAIRNYLTKFVDDAWMKAQGFL
;
_entity_poly.pdbx_strand_id   A
#
# COMPACT_ATOMS: atom_id res chain seq x y z
N MET A 4 -23.89 5.40 -6.44
CA MET A 4 -23.70 5.38 -7.89
C MET A 4 -23.66 3.95 -8.46
N VAL A 5 -24.03 3.81 -9.76
CA VAL A 5 -24.05 2.52 -10.48
C VAL A 5 -22.78 2.42 -11.34
N LEU A 6 -22.06 1.30 -11.24
CA LEU A 6 -20.77 1.09 -11.94
C LEU A 6 -20.74 -0.21 -12.72
N ASP A 7 -19.85 -0.29 -13.73
CA ASP A 7 -19.72 -1.49 -14.54
C ASP A 7 -19.07 -2.65 -13.79
N ASN A 8 -18.06 -2.37 -12.95
CA ASN A 8 -17.33 -3.43 -12.22
C ASN A 8 -16.66 -2.85 -11.00
N ILE A 9 -16.10 -3.73 -10.16
CA ILE A 9 -15.50 -3.33 -8.88
C ILE A 9 -14.24 -2.48 -9.05
N LEU A 10 -13.55 -2.56 -10.20
CA LEU A 10 -12.34 -1.78 -10.37
C LEU A 10 -12.66 -0.28 -10.39
N GLN A 11 -13.88 0.07 -10.82
CA GLN A 11 -14.31 1.47 -10.86
C GLN A 11 -14.55 2.04 -9.46
N VAL A 12 -14.56 1.17 -8.42
CA VAL A 12 -14.73 1.60 -7.03
C VAL A 12 -13.39 2.00 -6.43
N ILE A 13 -12.27 1.52 -6.99
CA ILE A 13 -10.93 1.83 -6.44
C ILE A 13 -10.70 3.34 -6.47
N GLY A 14 -10.15 3.88 -5.36
CA GLY A 14 -9.78 5.29 -5.27
C GLY A 14 -10.81 6.17 -4.65
N LYS A 15 -10.56 7.50 -4.69
CA LYS A 15 -11.46 8.49 -4.08
C LYS A 15 -11.71 8.11 -2.60
N THR A 16 -10.64 7.65 -1.95
CA THR A 16 -10.72 7.21 -0.54
C THR A 16 -10.91 8.38 0.42
N PRO A 17 -11.74 8.21 1.46
CA PRO A 17 -11.99 9.32 2.37
C PRO A 17 -10.81 9.62 3.28
N VAL A 18 -10.78 10.85 3.76
CA VAL A 18 -9.81 11.35 4.72
C VAL A 18 -10.61 11.58 6.00
N VAL A 19 -10.19 10.96 7.12
CA VAL A 19 -10.90 11.13 8.40
C VAL A 19 -9.96 11.83 9.38
N ARG A 20 -10.52 12.71 10.19
CA ARG A 20 -9.75 13.34 11.25
C ARG A 20 -9.41 12.27 12.31
N LEU A 21 -8.15 12.19 12.77
CA LEU A 21 -7.78 11.25 13.84
C LEU A 21 -7.84 12.06 15.16
N HIS A 22 -9.04 12.23 15.69
CA HIS A 22 -9.30 13.05 16.88
C HIS A 22 -8.61 12.54 18.17
N ARG A 23 -8.54 11.23 18.40
CA ARG A 23 -7.96 10.70 19.63
C ARG A 23 -6.47 10.50 19.49
N ILE A 24 -6.03 9.93 18.37
CA ILE A 24 -4.59 9.76 18.16
C ILE A 24 -3.89 11.12 18.14
N GLY A 25 -4.51 12.12 17.54
CA GLY A 25 -3.89 13.44 17.43
C GLY A 25 -3.91 14.32 18.67
N GLN A 26 -4.52 13.84 19.78
CA GLN A 26 -4.59 14.63 21.03
C GLN A 26 -3.22 15.10 21.57
N SER A 27 -2.18 14.27 21.43
CA SER A 27 -0.84 14.59 21.95
C SER A 27 -0.06 15.56 21.04
N LEU A 28 -0.60 15.88 19.84
CA LEU A 28 0.05 16.76 18.86
C LEU A 28 -0.55 18.16 18.89
N PRO A 29 0.22 19.22 18.59
CA PRO A 29 -0.40 20.55 18.52
C PRO A 29 -1.16 20.73 17.20
N CYS A 30 -0.76 19.98 16.14
CA CYS A 30 -1.38 20.05 14.83
C CYS A 30 -2.60 19.13 14.74
N GLU A 31 -3.29 19.18 13.60
CA GLU A 31 -4.42 18.30 13.28
C GLU A 31 -3.90 17.10 12.51
N LEU A 32 -4.32 15.90 12.90
CA LEU A 32 -3.87 14.68 12.25
C LEU A 32 -5.01 14.05 11.48
N TYR A 33 -4.74 13.61 10.24
CA TYR A 33 -5.73 12.97 9.36
C TYR A 33 -5.25 11.67 8.79
N GLY A 34 -6.17 10.75 8.49
CA GLY A 34 -5.80 9.48 7.87
C GLY A 34 -6.54 9.27 6.58
N LYS A 35 -5.81 8.98 5.49
CA LYS A 35 -6.44 8.72 4.19
C LYS A 35 -6.69 7.21 4.11
N CYS A 36 -7.97 6.80 4.01
CA CYS A 36 -8.37 5.41 4.20
C CYS A 36 -8.25 4.53 2.96
N GLU A 37 -7.02 4.28 2.54
CA GLU A 37 -6.71 3.41 1.41
C GLU A 37 -7.12 1.95 1.68
N PHE A 38 -7.16 1.55 2.95
CA PHE A 38 -7.57 0.17 3.32
C PHE A 38 -9.04 -0.13 2.98
N LEU A 39 -9.83 0.93 2.66
CA LEU A 39 -11.24 0.74 2.30
C LEU A 39 -11.40 0.36 0.82
N ASN A 40 -10.30 0.45 0.03
CA ASN A 40 -10.32 0.02 -1.37
C ASN A 40 -10.87 -1.42 -1.48
N PRO A 41 -11.51 -1.81 -2.62
CA PRO A 41 -12.20 -3.14 -2.68
C PRO A 41 -11.30 -4.37 -2.50
N GLY A 42 -9.99 -4.22 -2.67
CA GLY A 42 -9.05 -5.31 -2.44
C GLY A 42 -8.44 -5.23 -1.07
N GLY A 43 -8.73 -4.13 -0.33
CA GLY A 43 -8.27 -3.87 1.02
C GLY A 43 -6.94 -3.15 1.16
N SER A 44 -6.46 -2.51 0.09
CA SER A 44 -5.15 -1.86 0.19
C SER A 44 -4.95 -0.71 -0.78
N VAL A 45 -3.96 0.15 -0.47
CA VAL A 45 -3.54 1.21 -1.40
C VAL A 45 -3.05 0.54 -2.70
N LYS A 46 -2.57 -0.73 -2.61
CA LYS A 46 -1.97 -1.47 -3.72
C LYS A 46 -2.96 -1.85 -4.80
N ASP A 47 -4.28 -1.71 -4.52
CA ASP A 47 -5.31 -1.93 -5.54
C ASP A 47 -5.04 -1.04 -6.76
N ARG A 48 -4.65 0.22 -6.48
CA ARG A 48 -4.44 1.24 -7.52
C ARG A 48 -3.39 0.83 -8.54
N ILE A 49 -2.22 0.34 -8.09
CA ILE A 49 -1.12 0.01 -9.02
C ILE A 49 -1.47 -1.20 -9.87
N GLY A 50 -2.10 -2.23 -9.28
CA GLY A 50 -2.50 -3.43 -10.02
C GLY A 50 -3.42 -3.13 -11.18
N ALA A 51 -4.51 -2.41 -10.92
CA ALA A 51 -5.47 -2.02 -11.94
C ALA A 51 -4.80 -1.14 -12.99
N ALA A 52 -3.96 -0.18 -12.56
CA ALA A 52 -3.30 0.75 -13.50
C ALA A 52 -2.30 0.04 -14.41
N MET A 53 -1.57 -0.95 -13.88
CA MET A 53 -0.58 -1.66 -14.70
C MET A 53 -1.25 -2.41 -15.84
N ILE A 54 -2.43 -3.00 -15.57
CA ILE A 54 -3.18 -3.74 -16.58
C ILE A 54 -3.78 -2.75 -17.59
N GLU A 55 -4.36 -1.65 -17.10
CA GLU A 55 -4.96 -0.63 -17.98
C GLU A 55 -3.89 -0.03 -18.93
N SER A 56 -2.72 0.34 -18.39
CA SER A 56 -1.62 0.92 -19.16
C SER A 56 -1.08 -0.07 -20.21
N ALA A 57 -0.89 -1.36 -19.83
CA ALA A 57 -0.39 -2.41 -20.75
C ALA A 57 -1.44 -2.69 -21.85
N GLU A 58 -2.76 -2.60 -21.50
CA GLU A 58 -3.82 -2.75 -22.50
C GLU A 58 -3.80 -1.58 -23.50
N LYS A 59 -3.70 -0.33 -22.99
CA LYS A 59 -3.65 0.90 -23.83
C LYS A 59 -2.47 0.88 -24.79
N GLN A 60 -1.33 0.30 -24.38
CA GLN A 60 -0.12 0.18 -25.20
C GLN A 60 -0.15 -1.06 -26.12
N GLY A 61 -1.27 -1.82 -26.09
CA GLY A 61 -1.49 -3.02 -26.89
C GLY A 61 -0.58 -4.20 -26.59
N LYS A 62 0.04 -4.21 -25.41
CA LYS A 62 0.99 -5.23 -24.97
C LYS A 62 0.27 -6.47 -24.47
N ILE A 63 -0.97 -6.29 -23.96
CA ILE A 63 -1.83 -7.36 -23.46
C ILE A 63 -3.29 -7.17 -23.94
N LYS A 64 -4.05 -8.27 -23.92
CA LYS A 64 -5.48 -8.31 -24.23
C LYS A 64 -6.12 -9.41 -23.38
N PRO A 65 -7.42 -9.33 -23.00
CA PRO A 65 -8.00 -10.41 -22.20
C PRO A 65 -7.85 -11.79 -22.85
N GLY A 66 -7.60 -12.78 -22.00
CA GLY A 66 -7.31 -14.15 -22.39
C GLY A 66 -5.82 -14.42 -22.23
N ASP A 67 -4.98 -13.34 -22.26
CA ASP A 67 -3.54 -13.46 -22.07
C ASP A 67 -3.18 -13.85 -20.65
N THR A 68 -1.95 -14.37 -20.47
CA THR A 68 -1.47 -14.76 -19.15
C THR A 68 -0.58 -13.63 -18.62
N LEU A 69 -0.87 -13.17 -17.41
CA LEU A 69 -0.09 -12.14 -16.74
C LEU A 69 0.76 -12.82 -15.70
N ILE A 70 2.06 -12.50 -15.66
CA ILE A 70 3.02 -13.11 -14.74
C ILE A 70 3.49 -12.06 -13.80
N GLU A 71 3.22 -12.24 -12.51
CA GLU A 71 3.61 -11.27 -11.53
C GLU A 71 4.66 -11.82 -10.57
N PRO A 72 5.93 -11.44 -10.77
CA PRO A 72 6.95 -11.83 -9.78
C PRO A 72 6.83 -10.93 -8.56
N THR A 73 6.85 -11.51 -7.35
CA THR A 73 6.71 -10.70 -6.14
C THR A 73 7.54 -11.24 -4.98
N SER A 74 8.02 -10.32 -4.13
CA SER A 74 8.77 -10.62 -2.92
C SER A 74 7.78 -10.61 -1.74
N GLY A 75 6.50 -10.84 -2.04
CA GLY A 75 5.40 -10.87 -1.09
C GLY A 75 4.97 -9.51 -0.57
N ASN A 76 5.61 -8.42 -1.06
CA ASN A 76 5.35 -7.04 -0.65
C ASN A 76 4.24 -6.40 -1.48
N THR A 77 3.97 -6.92 -2.68
CA THR A 77 2.96 -6.39 -3.60
C THR A 77 1.57 -6.89 -3.17
N GLY A 78 0.52 -6.22 -3.63
CA GLY A 78 -0.85 -6.54 -3.23
C GLY A 78 -1.54 -7.60 -4.08
N ILE A 79 -2.86 -7.71 -3.88
CA ILE A 79 -3.70 -8.65 -4.64
C ILE A 79 -4.26 -7.93 -5.89
N GLY A 80 -3.77 -6.70 -6.13
CA GLY A 80 -4.20 -5.82 -7.22
C GLY A 80 -4.16 -6.40 -8.61
N ILE A 81 -3.04 -7.06 -9.01
CA ILE A 81 -2.98 -7.68 -10.35
C ILE A 81 -3.99 -8.86 -10.41
N ALA A 82 -4.01 -9.69 -9.37
CA ALA A 82 -4.95 -10.83 -9.33
C ALA A 82 -6.40 -10.33 -9.39
N LEU A 83 -6.73 -9.28 -8.63
CA LEU A 83 -8.09 -8.73 -8.59
C LEU A 83 -8.49 -8.20 -9.99
N ALA A 84 -7.72 -7.26 -10.55
CA ALA A 84 -8.00 -6.67 -11.86
C ALA A 84 -7.95 -7.76 -12.96
N GLY A 85 -7.03 -8.73 -12.82
CA GLY A 85 -6.90 -9.85 -13.75
C GLY A 85 -8.16 -10.70 -13.79
N ALA A 86 -8.73 -10.98 -12.60
CA ALA A 86 -9.97 -11.75 -12.52
C ALA A 86 -11.12 -10.99 -13.17
N VAL A 87 -11.22 -9.69 -12.88
CA VAL A 87 -12.31 -8.84 -13.39
C VAL A 87 -12.22 -8.76 -14.94
N LYS A 88 -11.02 -8.48 -15.46
CA LYS A 88 -10.80 -8.24 -16.88
C LYS A 88 -10.62 -9.50 -17.75
N GLY A 89 -10.57 -10.67 -17.11
CA GLY A 89 -10.47 -11.95 -17.80
C GLY A 89 -9.08 -12.35 -18.25
N TYR A 90 -8.09 -12.23 -17.37
CA TYR A 90 -6.74 -12.65 -17.66
C TYR A 90 -6.40 -13.86 -16.84
N ARG A 91 -5.48 -14.68 -17.32
CA ARG A 91 -4.98 -15.76 -16.50
C ARG A 91 -3.86 -15.11 -15.70
N VAL A 92 -3.81 -15.34 -14.40
CA VAL A 92 -2.80 -14.71 -13.57
C VAL A 92 -1.92 -15.76 -12.93
N ILE A 93 -0.59 -15.60 -13.10
CA ILE A 93 0.40 -16.46 -12.46
C ILE A 93 1.25 -15.58 -11.58
N ILE A 94 1.49 -16.02 -10.33
CA ILE A 94 2.30 -15.26 -9.40
C ILE A 94 3.49 -16.12 -9.00
N THR A 95 4.71 -15.55 -8.98
CA THR A 95 5.91 -16.26 -8.55
C THR A 95 6.40 -15.55 -7.29
N MET A 96 6.78 -16.31 -6.26
CA MET A 96 7.21 -15.73 -4.97
C MET A 96 8.01 -16.69 -4.11
N PRO A 97 8.79 -16.19 -3.11
CA PRO A 97 9.42 -17.11 -2.16
C PRO A 97 8.35 -17.69 -1.21
N GLU A 98 8.57 -18.90 -0.66
N GLU A 98 8.60 -18.90 -0.66
CA GLU A 98 7.66 -19.64 0.23
CA GLU A 98 7.71 -19.65 0.25
C GLU A 98 7.28 -18.85 1.53
C GLU A 98 7.41 -18.91 1.58
N LYS A 99 7.76 -17.61 1.66
CA LYS A 99 7.56 -16.75 2.84
C LYS A 99 6.15 -16.13 3.03
N MET A 100 5.31 -16.05 1.97
CA MET A 100 4.01 -15.39 2.07
C MET A 100 2.93 -16.16 2.87
N SER A 101 2.12 -15.41 3.64
CA SER A 101 1.04 -15.82 4.55
C SER A 101 -0.09 -16.61 3.88
N HIS A 102 -0.76 -17.47 4.68
CA HIS A 102 -1.92 -18.28 4.28
C HIS A 102 -3.09 -17.37 3.89
N GLU A 103 -3.27 -16.25 4.61
CA GLU A 103 -4.35 -15.28 4.39
C GLU A 103 -4.24 -14.68 2.98
N LYS A 104 -3.05 -14.19 2.60
CA LYS A 104 -2.81 -13.61 1.28
C LYS A 104 -2.92 -14.69 0.20
N GLN A 105 -2.33 -15.87 0.45
CA GLN A 105 -2.34 -16.97 -0.51
C GLN A 105 -3.76 -17.48 -0.81
N VAL A 106 -4.61 -17.63 0.22
CA VAL A 106 -5.95 -18.14 0.01
C VAL A 106 -6.80 -17.14 -0.84
N VAL A 107 -6.60 -15.83 -0.66
CA VAL A 107 -7.36 -14.83 -1.43
C VAL A 107 -6.86 -14.81 -2.86
N LEU A 108 -5.52 -14.80 -3.10
CA LEU A 108 -4.98 -14.83 -4.45
C LEU A 108 -5.52 -16.03 -5.23
N GLU A 109 -5.54 -17.20 -4.59
CA GLU A 109 -6.04 -18.43 -5.20
C GLU A 109 -7.55 -18.36 -5.45
N ALA A 110 -8.32 -17.77 -4.51
CA ALA A 110 -9.76 -17.64 -4.71
C ALA A 110 -10.06 -16.74 -5.90
N LEU A 111 -9.18 -15.75 -6.17
CA LEU A 111 -9.30 -14.84 -7.31
C LEU A 111 -8.81 -15.51 -8.64
N GLY A 112 -8.40 -16.76 -8.55
CA GLY A 112 -8.01 -17.56 -9.72
C GLY A 112 -6.54 -17.54 -10.08
N ALA A 113 -5.70 -16.90 -9.24
CA ALA A 113 -4.27 -16.86 -9.50
C ALA A 113 -3.62 -18.20 -9.20
N THR A 114 -2.63 -18.58 -10.02
CA THR A 114 -1.79 -19.76 -9.83
C THR A 114 -0.51 -19.26 -9.19
N ILE A 115 -0.14 -19.84 -8.04
CA ILE A 115 1.06 -19.37 -7.33
C ILE A 115 2.16 -20.41 -7.48
N TYR A 116 3.33 -19.97 -7.92
CA TYR A 116 4.50 -20.83 -8.01
C TYR A 116 5.48 -20.37 -6.96
N ARG A 117 5.66 -21.20 -5.92
CA ARG A 117 6.53 -20.92 -4.79
C ARG A 117 7.95 -21.38 -5.09
N THR A 118 8.94 -20.53 -4.78
CA THR A 118 10.36 -20.76 -5.05
C THR A 118 11.19 -20.76 -3.74
N PRO A 119 12.34 -21.47 -3.68
CA PRO A 119 13.15 -21.45 -2.46
C PRO A 119 14.14 -20.29 -2.46
N GLU A 128 17.65 -14.75 -6.77
CA GLU A 128 16.40 -14.17 -7.26
C GLU A 128 15.61 -15.19 -8.11
N SER A 129 15.33 -16.39 -7.51
CA SER A 129 14.64 -17.52 -8.16
C SER A 129 13.22 -17.19 -8.65
N HIS A 130 12.44 -16.34 -7.93
CA HIS A 130 11.08 -16.00 -8.34
C HIS A 130 11.08 -15.09 -9.59
N ILE A 131 12.09 -14.21 -9.71
CA ILE A 131 12.25 -13.31 -10.88
C ILE A 131 12.73 -14.15 -12.06
N SER A 132 13.67 -15.11 -11.82
CA SER A 132 14.18 -16.02 -12.86
C SER A 132 13.06 -16.92 -13.33
N LEU A 133 12.20 -17.41 -12.40
CA LEU A 133 11.05 -18.25 -12.73
C LEU A 133 10.08 -17.46 -13.62
N ALA A 134 9.78 -16.20 -13.29
CA ALA A 134 8.87 -15.37 -14.10
C ALA A 134 9.40 -15.20 -15.50
N LYS A 135 10.70 -14.93 -15.63
CA LYS A 135 11.33 -14.78 -16.94
C LYS A 135 11.25 -16.09 -17.74
N ARG A 136 11.44 -17.26 -17.09
CA ARG A 136 11.34 -18.56 -17.80
C ARG A 136 9.90 -18.82 -18.23
N LEU A 137 8.93 -18.56 -17.33
CA LEU A 137 7.52 -18.75 -17.65
C LEU A 137 7.09 -17.85 -18.82
N ASN A 138 7.62 -16.61 -18.85
CA ASN A 138 7.36 -15.65 -19.91
C ASN A 138 7.80 -16.19 -21.28
N GLN A 139 8.90 -16.96 -21.33
CA GLN A 139 9.34 -17.54 -22.59
C GLN A 139 8.58 -18.83 -22.89
N GLU A 140 8.20 -19.61 -21.85
CA GLU A 140 7.52 -20.91 -22.04
C GLU A 140 6.05 -20.78 -22.44
N ILE A 141 5.32 -19.83 -21.83
CA ILE A 141 3.88 -19.66 -22.04
C ILE A 141 3.60 -18.69 -23.19
N PRO A 142 2.80 -19.11 -24.20
CA PRO A 142 2.47 -18.18 -25.29
C PRO A 142 1.48 -17.11 -24.80
N ASN A 143 1.53 -15.90 -25.40
CA ASN A 143 0.66 -14.78 -25.03
C ASN A 143 0.73 -14.48 -23.52
N SER A 144 1.95 -14.46 -22.98
CA SER A 144 2.13 -14.16 -21.58
C SER A 144 2.92 -12.86 -21.49
N TYR A 145 2.78 -12.14 -20.36
CA TYR A 145 3.45 -10.86 -20.17
C TYR A 145 3.80 -10.66 -18.72
N ILE A 146 5.00 -10.14 -18.45
CA ILE A 146 5.44 -9.90 -17.07
C ILE A 146 4.98 -8.53 -16.65
N LEU A 147 4.29 -8.47 -15.50
CA LEU A 147 3.83 -7.25 -14.82
C LEU A 147 4.49 -7.25 -13.46
N ASP A 148 5.56 -6.47 -13.33
CA ASP A 148 6.32 -6.40 -12.08
C ASP A 148 6.23 -4.98 -11.54
N GLN A 149 5.75 -4.84 -10.29
CA GLN A 149 5.57 -3.55 -9.61
C GLN A 149 6.93 -2.87 -9.37
N TYR A 150 7.98 -3.68 -9.06
CA TYR A 150 9.36 -3.22 -8.87
C TYR A 150 10.03 -2.90 -10.22
N SER A 151 10.87 -1.84 -10.26
CA SER A 151 11.62 -1.35 -11.43
C SER A 151 10.71 -1.03 -12.65
N ASN A 152 9.37 -0.98 -12.44
CA ASN A 152 8.36 -0.71 -13.46
C ASN A 152 8.46 0.72 -14.03
N ALA A 153 8.87 1.70 -13.19
CA ALA A 153 9.06 3.13 -13.46
C ALA A 153 7.74 3.92 -13.71
N GLU A 154 6.62 3.24 -14.00
CA GLU A 154 5.33 3.91 -14.22
C GLU A 154 4.45 3.86 -12.95
N ASN A 155 5.03 3.32 -11.84
CA ASN A 155 4.43 3.22 -10.51
C ASN A 155 4.18 4.62 -9.89
N PRO A 156 5.11 5.62 -9.96
CA PRO A 156 4.82 6.94 -9.38
C PRO A 156 3.74 7.68 -10.16
N ASP A 157 3.66 7.47 -11.49
CA ASP A 157 2.68 8.10 -12.36
C ASP A 157 1.22 7.90 -11.86
N ILE A 158 0.82 6.64 -11.52
CA ILE A 158 -0.55 6.39 -11.06
C ILE A 158 -0.84 7.18 -9.79
N HIS A 159 0.12 7.23 -8.84
CA HIS A 159 -0.10 7.95 -7.59
C HIS A 159 0.00 9.46 -7.82
N TYR A 160 0.67 9.89 -8.90
CA TYR A 160 0.72 11.29 -9.28
C TYR A 160 -0.64 11.70 -9.86
N GLN A 161 -1.21 10.81 -10.69
CA GLN A 161 -2.47 11.05 -11.39
C GLN A 161 -3.71 10.91 -10.51
N THR A 162 -3.66 10.03 -9.49
N THR A 162 -3.68 10.05 -9.46
CA THR A 162 -4.83 9.73 -8.68
CA THR A 162 -4.89 9.88 -8.66
C THR A 162 -4.63 10.11 -7.20
C THR A 162 -4.65 10.14 -7.16
N THR A 163 -3.92 9.27 -6.39
CA THR A 163 -3.73 9.46 -4.92
C THR A 163 -3.30 10.90 -4.57
N GLY A 164 -2.26 11.40 -5.22
CA GLY A 164 -1.78 12.76 -5.02
C GLY A 164 -2.81 13.82 -5.37
N GLN A 165 -3.53 13.64 -6.50
CA GLN A 165 -4.58 14.58 -6.94
C GLN A 165 -5.73 14.62 -5.92
N GLU A 166 -6.12 13.44 -5.39
CA GLU A 166 -7.17 13.34 -4.34
C GLU A 166 -6.79 14.12 -3.08
N ILE A 167 -5.53 14.03 -2.68
CA ILE A 167 -5.00 14.75 -1.50
C ILE A 167 -5.09 16.25 -1.76
N LEU A 168 -4.68 16.70 -2.97
CA LEU A 168 -4.80 18.11 -3.36
C LEU A 168 -6.26 18.55 -3.38
N ASP A 169 -7.15 17.74 -4.00
CA ASP A 169 -8.57 18.07 -4.07
C ASP A 169 -9.22 18.16 -2.70
N ASP A 170 -8.84 17.27 -1.78
CA ASP A 170 -9.46 17.25 -0.45
C ASP A 170 -8.86 18.25 0.53
N MET A 171 -7.54 18.40 0.54
CA MET A 171 -6.95 19.22 1.59
C MET A 171 -6.31 20.48 1.07
N GLY A 172 -6.10 20.57 -0.23
CA GLY A 172 -5.56 21.76 -0.90
C GLY A 172 -4.16 22.09 -0.46
N GLU A 173 -3.85 23.39 -0.46
CA GLU A 173 -2.55 23.93 -0.05
C GLU A 173 -2.44 23.98 1.47
N ASN A 174 -3.56 23.82 2.22
CA ASN A 174 -3.51 23.80 3.68
C ASN A 174 -3.13 22.41 4.15
N LEU A 175 -1.92 21.98 3.76
CA LEU A 175 -1.38 20.69 4.12
C LEU A 175 0.12 20.83 4.34
N SER A 176 0.56 20.60 5.57
CA SER A 176 1.97 20.80 5.93
C SER A 176 2.83 19.55 5.81
N MET A 177 2.23 18.35 5.94
CA MET A 177 3.00 17.11 5.96
C MET A 177 2.14 15.94 5.47
N VAL A 178 2.77 15.00 4.75
CA VAL A 178 2.17 13.76 4.27
C VAL A 178 3.14 12.63 4.66
N VAL A 179 2.62 11.61 5.31
CA VAL A 179 3.40 10.47 5.81
C VAL A 179 2.92 9.20 5.09
N MET A 180 3.82 8.48 4.40
CA MET A 180 3.40 7.25 3.70
C MET A 180 4.57 6.27 3.54
N GLY A 181 4.23 5.01 3.29
CA GLY A 181 5.19 3.92 3.14
C GLY A 181 6.09 4.05 1.94
N VAL A 182 7.27 3.43 2.00
CA VAL A 182 8.28 3.47 0.95
C VAL A 182 8.30 2.18 0.08
N GLY A 183 7.47 1.19 0.41
CA GLY A 183 7.40 -0.07 -0.34
C GLY A 183 6.03 -0.29 -0.97
N THR A 184 5.93 -0.55 -2.31
CA THR A 184 6.97 -0.77 -3.33
C THR A 184 7.83 0.48 -3.67
N GLY A 185 7.22 1.67 -3.64
CA GLY A 185 7.91 2.92 -3.96
C GLY A 185 7.16 3.85 -4.89
N GLY A 186 6.03 3.38 -5.41
CA GLY A 186 5.17 4.13 -6.32
C GLY A 186 4.37 5.21 -5.63
N THR A 187 3.72 4.87 -4.50
CA THR A 187 2.87 5.78 -3.72
C THR A 187 3.59 7.07 -3.35
N ILE A 188 4.65 6.93 -2.55
CA ILE A 188 5.38 8.08 -2.03
C ILE A 188 5.96 8.96 -3.13
N ILE A 189 6.58 8.39 -4.17
CA ILE A 189 7.21 9.21 -5.21
C ILE A 189 6.17 9.98 -6.03
N GLY A 190 5.11 9.29 -6.44
CA GLY A 190 4.02 9.88 -7.20
C GLY A 190 3.26 10.95 -6.44
N VAL A 191 2.95 10.68 -5.16
CA VAL A 191 2.25 11.65 -4.30
C VAL A 191 3.18 12.86 -4.04
N ALA A 192 4.45 12.62 -3.61
CA ALA A 192 5.43 13.69 -3.36
C ALA A 192 5.58 14.61 -4.56
N LYS A 193 5.73 14.03 -5.77
CA LYS A 193 5.92 14.81 -6.99
C LYS A 193 4.71 15.75 -7.22
N LYS A 194 3.49 15.20 -7.11
CA LYS A 194 2.25 15.94 -7.31
C LYS A 194 2.12 17.08 -6.30
N LEU A 195 2.30 16.76 -5.01
CA LEU A 195 2.13 17.74 -3.94
C LEU A 195 3.19 18.84 -3.97
N LYS A 196 4.47 18.49 -4.22
CA LYS A 196 5.55 19.49 -4.22
C LYS A 196 5.52 20.42 -5.44
N GLU A 197 4.75 20.07 -6.49
CA GLU A 197 4.61 20.95 -7.67
C GLU A 197 3.77 22.20 -7.33
N VAL A 198 2.80 22.06 -6.43
CA VAL A 198 1.89 23.14 -6.02
C VAL A 198 2.28 23.67 -4.61
N ASN A 199 2.85 22.81 -3.75
CA ASN A 199 3.22 23.13 -2.38
C ASN A 199 4.66 22.61 -2.12
N PRO A 200 5.73 23.32 -2.57
CA PRO A 200 7.09 22.77 -2.37
C PRO A 200 7.54 22.74 -0.91
N SER A 201 6.88 23.54 -0.06
CA SER A 201 7.15 23.62 1.38
C SER A 201 6.58 22.39 2.13
N ILE A 202 5.79 21.53 1.46
CA ILE A 202 5.24 20.35 2.12
C ILE A 202 6.36 19.39 2.54
N GLN A 203 6.19 18.76 3.71
CA GLN A 203 7.13 17.79 4.27
C GLN A 203 6.64 16.37 3.94
N ILE A 204 7.44 15.62 3.18
CA ILE A 204 7.11 14.25 2.78
C ILE A 204 7.94 13.31 3.64
N ILE A 205 7.23 12.50 4.44
CA ILE A 205 7.83 11.60 5.41
C ILE A 205 7.66 10.17 4.92
N GLY A 206 8.80 9.51 4.74
CA GLY A 206 8.87 8.11 4.34
C GLY A 206 8.82 7.19 5.53
N VAL A 207 7.94 6.20 5.47
CA VAL A 207 7.72 5.19 6.52
C VAL A 207 8.53 3.95 6.18
N ASP A 208 9.56 3.66 6.99
CA ASP A 208 10.44 2.52 6.74
C ASP A 208 10.38 1.48 7.89
N PRO A 209 9.48 0.47 7.80
CA PRO A 209 9.43 -0.56 8.86
C PRO A 209 10.70 -1.41 8.82
N ILE A 210 11.39 -1.57 9.97
CA ILE A 210 12.67 -2.31 10.07
C ILE A 210 12.52 -3.71 10.71
N GLY A 211 11.33 -4.01 11.23
CA GLY A 211 11.04 -5.30 11.86
C GLY A 211 11.00 -6.45 10.88
N SER A 212 11.17 -7.68 11.37
CA SER A 212 11.16 -8.88 10.51
C SER A 212 9.76 -9.18 9.91
N ILE A 213 8.68 -8.75 10.58
CA ILE A 213 7.31 -9.01 10.10
C ILE A 213 6.90 -8.03 9.01
N LEU A 214 6.92 -6.71 9.31
CA LEU A 214 6.44 -5.66 8.41
C LEU A 214 7.50 -5.13 7.43
N GLY A 215 8.77 -5.35 7.73
CA GLY A 215 9.87 -4.85 6.91
C GLY A 215 10.15 -5.64 5.66
N GLY A 216 10.97 -5.05 4.79
CA GLY A 216 11.42 -5.66 3.54
C GLY A 216 12.87 -6.09 3.65
N GLY A 217 13.11 -7.39 3.48
CA GLY A 217 14.43 -7.98 3.57
C GLY A 217 14.95 -8.08 5.00
N ASP A 238 20.54 15.63 -3.76
CA ASP A 238 20.53 16.98 -3.22
C ASP A 238 19.10 17.42 -2.94
N ASN A 239 18.14 17.05 -3.82
CA ASN A 239 16.74 17.40 -3.69
C ASN A 239 15.85 16.15 -3.76
N ASN A 240 15.94 15.24 -2.75
CA ASN A 240 15.09 14.05 -2.73
C ASN A 240 13.62 14.48 -2.47
N LEU A 241 12.67 13.92 -3.22
CA LEU A 241 11.24 14.23 -3.05
C LEU A 241 10.77 13.85 -1.66
N ILE A 242 11.48 12.88 -1.04
CA ILE A 242 11.22 12.36 0.31
C ILE A 242 12.16 13.13 1.23
N ASP A 243 11.57 13.90 2.17
CA ASP A 243 12.32 14.77 3.07
C ASP A 243 12.99 14.02 4.20
N GLU A 244 12.32 13.01 4.75
CA GLU A 244 12.81 12.25 5.89
C GLU A 244 12.31 10.81 5.83
N TYR A 245 13.16 9.87 6.27
CA TYR A 245 12.82 8.44 6.33
C TYR A 245 12.81 8.02 7.80
N ILE A 246 11.64 7.65 8.34
CA ILE A 246 11.55 7.23 9.75
C ILE A 246 11.52 5.70 9.82
N LYS A 247 12.41 5.12 10.67
CA LYS A 247 12.48 3.68 10.92
C LYS A 247 11.48 3.31 12.02
N ILE A 248 10.70 2.25 11.82
CA ILE A 248 9.73 1.83 12.83
C ILE A 248 9.89 0.33 13.04
N ASN A 249 9.97 -0.11 14.30
CA ASN A 249 10.08 -1.54 14.58
C ASN A 249 8.65 -2.15 14.54
N ASP A 250 8.53 -3.48 14.72
CA ASP A 250 7.23 -4.16 14.68
C ASP A 250 6.36 -3.83 15.90
N LYS A 251 6.93 -3.83 17.12
CA LYS A 251 6.19 -3.54 18.35
C LYS A 251 5.43 -2.23 18.26
N ASP A 252 6.13 -1.13 17.92
CA ASP A 252 5.54 0.20 17.82
C ASP A 252 4.46 0.29 16.75
N SER A 253 4.64 -0.42 15.61
CA SER A 253 3.65 -0.46 14.54
C SER A 253 2.39 -1.13 15.02
N PHE A 254 2.53 -2.32 15.61
CA PHE A 254 1.37 -3.10 16.04
C PHE A 254 0.64 -2.45 17.19
N LEU A 255 1.37 -1.84 18.14
CA LEU A 255 0.69 -1.15 19.24
C LEU A 255 -0.10 0.05 18.68
N MET A 256 0.48 0.81 17.72
CA MET A 256 -0.26 1.95 17.13
C MET A 256 -1.46 1.45 16.30
N ALA A 257 -1.29 0.34 15.57
CA ALA A 257 -2.41 -0.24 14.83
C ALA A 257 -3.56 -0.58 15.80
N ARG A 258 -3.23 -1.13 16.98
N ARG A 258 -3.23 -1.13 16.98
CA ARG A 258 -4.24 -1.46 17.99
CA ARG A 258 -4.21 -1.47 18.00
C ARG A 258 -4.94 -0.18 18.48
C ARG A 258 -4.93 -0.19 18.50
N ARG A 259 -4.20 0.94 18.58
CA ARG A 259 -4.80 2.24 18.95
C ARG A 259 -5.75 2.72 17.84
N LEU A 260 -5.35 2.57 16.57
CA LEU A 260 -6.22 2.98 15.45
C LEU A 260 -7.55 2.23 15.51
N ILE A 261 -7.51 0.91 15.80
CA ILE A 261 -8.78 0.15 15.88
C ILE A 261 -9.61 0.56 17.10
N ARG A 262 -8.97 0.57 18.31
CA ARG A 262 -9.68 0.82 19.56
C ARG A 262 -10.16 2.27 19.72
N GLU A 263 -9.36 3.24 19.32
CA GLU A 263 -9.64 4.66 19.54
C GLU A 263 -10.30 5.36 18.34
N GLU A 264 -10.11 4.86 17.09
CA GLU A 264 -10.66 5.54 15.94
C GLU A 264 -11.64 4.65 15.14
N GLY A 265 -11.76 3.38 15.52
CA GLY A 265 -12.65 2.47 14.79
C GLY A 265 -12.16 2.18 13.37
N LEU A 266 -10.83 2.33 13.12
CA LEU A 266 -10.23 2.10 11.81
C LEU A 266 -9.68 0.68 11.76
N LEU A 267 -10.33 -0.21 10.99
CA LEU A 267 -9.96 -1.63 10.96
C LEU A 267 -8.80 -1.84 10.00
N VAL A 268 -7.63 -1.39 10.45
CA VAL A 268 -6.37 -1.35 9.68
C VAL A 268 -5.44 -2.54 10.00
N GLY A 269 -4.39 -2.69 9.18
CA GLY A 269 -3.30 -3.64 9.41
C GLY A 269 -2.09 -2.96 10.04
N GLY A 270 -1.01 -3.70 10.19
CA GLY A 270 0.19 -3.20 10.87
C GLY A 270 0.87 -2.00 10.23
N SER A 271 0.90 -1.95 8.86
CA SER A 271 1.55 -0.84 8.11
C SER A 271 0.87 0.50 8.36
N SER A 272 -0.46 0.51 8.61
CA SER A 272 -1.14 1.75 9.02
C SER A 272 -0.61 2.19 10.40
N GLY A 273 -0.34 1.22 11.28
CA GLY A 273 0.22 1.53 12.58
C GLY A 273 1.62 2.12 12.42
N SER A 274 2.44 1.53 11.51
CA SER A 274 3.78 2.07 11.23
C SER A 274 3.68 3.54 10.80
N ALA A 275 2.78 3.83 9.87
CA ALA A 275 2.63 5.17 9.30
C ALA A 275 2.17 6.18 10.34
N VAL A 276 1.18 5.82 11.15
CA VAL A 276 0.66 6.73 12.18
C VAL A 276 1.69 6.93 13.29
N TRP A 277 2.41 5.86 13.71
CA TRP A 277 3.50 6.02 14.70
C TRP A 277 4.54 7.04 14.18
N ALA A 278 4.97 6.90 12.91
CA ALA A 278 5.95 7.81 12.30
C ALA A 278 5.40 9.25 12.26
N ALA A 279 4.12 9.42 11.89
CA ALA A 279 3.47 10.75 11.88
C ALA A 279 3.45 11.40 13.27
N CYS A 280 3.18 10.62 14.34
CA CYS A 280 3.17 11.19 15.69
C CYS A 280 4.57 11.67 16.10
N GLN A 281 5.61 11.05 15.53
CA GLN A 281 6.96 11.49 15.78
C GLN A 281 7.27 12.76 14.95
N ALA A 282 7.10 12.69 13.61
CA ALA A 282 7.45 13.81 12.73
C ALA A 282 6.57 15.05 12.93
N ALA A 283 5.26 14.88 13.15
CA ALA A 283 4.28 15.96 13.28
C ALA A 283 4.43 16.77 14.55
N GLN A 284 5.22 16.28 15.52
CA GLN A 284 5.51 16.98 16.78
C GLN A 284 6.13 18.36 16.51
N ARG A 285 6.74 18.56 15.32
CA ARG A 285 7.37 19.83 14.92
C ARG A 285 6.38 20.84 14.40
N LEU A 286 5.21 20.36 13.95
CA LEU A 286 4.18 21.20 13.36
C LEU A 286 3.49 22.07 14.42
N LYS A 287 2.86 23.17 13.98
CA LYS A 287 2.24 24.13 14.87
C LYS A 287 0.73 23.97 14.89
N GLU A 288 0.03 24.65 15.82
CA GLU A 288 -1.44 24.62 15.90
C GLU A 288 -2.03 25.12 14.56
N GLY A 289 -3.09 24.48 14.08
CA GLY A 289 -3.72 24.88 12.82
C GLY A 289 -3.14 24.21 11.59
N GLU A 290 -1.92 23.67 11.71
CA GLU A 290 -1.26 22.95 10.62
C GLU A 290 -1.84 21.56 10.57
N ARG A 291 -1.76 20.92 9.41
CA ARG A 291 -2.36 19.61 9.26
C ARG A 291 -1.40 18.60 8.71
N CYS A 292 -1.49 17.38 9.23
CA CYS A 292 -0.66 16.26 8.82
C CYS A 292 -1.56 15.13 8.34
N LEU A 293 -1.28 14.60 7.15
CA LEU A 293 -2.07 13.53 6.56
C LEU A 293 -1.23 12.25 6.51
N VAL A 294 -1.81 11.14 6.92
CA VAL A 294 -1.17 9.83 6.94
C VAL A 294 -1.91 8.90 6.02
N ILE A 295 -1.22 8.20 5.14
CA ILE A 295 -1.88 7.17 4.32
C ILE A 295 -1.98 5.89 5.19
N LEU A 296 -3.20 5.32 5.27
CA LEU A 296 -3.51 4.09 6.03
C LEU A 296 -3.65 3.02 4.96
N PRO A 297 -2.56 2.33 4.65
CA PRO A 297 -2.55 1.55 3.42
C PRO A 297 -3.18 0.18 3.48
N ASP A 298 -3.27 -0.44 4.65
CA ASP A 298 -3.70 -1.85 4.74
C ASP A 298 -4.82 -2.06 5.73
N ALA A 299 -5.57 -3.16 5.49
CA ALA A 299 -6.75 -3.57 6.25
C ALA A 299 -6.40 -4.63 7.31
N ILE A 300 -7.33 -4.84 8.25
CA ILE A 300 -7.14 -5.78 9.36
C ILE A 300 -7.17 -7.26 8.90
N ARG A 301 -7.84 -7.58 7.76
CA ARG A 301 -8.12 -8.93 7.26
C ARG A 301 -7.00 -9.96 7.51
N ASN A 302 -5.75 -9.66 7.14
CA ASN A 302 -4.67 -10.66 7.26
C ASN A 302 -4.04 -10.80 8.64
N TYR A 303 -4.57 -10.10 9.64
CA TYR A 303 -3.92 -10.04 10.95
C TYR A 303 -4.77 -10.51 12.11
N LEU A 304 -5.92 -11.15 11.83
CA LEU A 304 -6.85 -11.63 12.86
C LEU A 304 -6.21 -12.68 13.79
N THR A 305 -5.19 -13.42 13.29
CA THR A 305 -4.50 -14.40 14.13
C THR A 305 -3.13 -13.85 14.53
N LYS A 306 -2.88 -12.58 14.19
N LYS A 306 -2.88 -12.57 14.21
CA LYS A 306 -1.62 -11.92 14.49
CA LYS A 306 -1.61 -11.93 14.52
C LYS A 306 -1.84 -10.80 15.51
C LYS A 306 -1.84 -10.79 15.53
N PHE A 307 -1.41 -9.55 15.23
CA PHE A 307 -1.48 -8.43 16.21
C PHE A 307 -2.85 -8.13 16.81
N VAL A 308 -3.94 -8.46 16.09
CA VAL A 308 -5.30 -8.19 16.57
C VAL A 308 -5.58 -9.06 17.82
N ASP A 309 -4.91 -10.21 17.91
CA ASP A 309 -5.06 -11.17 18.98
C ASP A 309 -4.14 -10.84 20.13
N ASP A 310 -4.71 -10.61 21.33
CA ASP A 310 -3.90 -10.31 22.54
C ASP A 310 -2.92 -11.42 22.88
N ALA A 311 -3.31 -12.70 22.65
CA ALA A 311 -2.43 -13.86 22.95
C ALA A 311 -1.16 -13.80 22.09
N TRP A 312 -1.32 -13.40 20.80
CA TRP A 312 -0.20 -13.27 19.88
C TRP A 312 0.69 -12.12 20.32
N MET A 313 0.10 -10.95 20.68
CA MET A 313 0.84 -9.77 21.13
C MET A 313 1.70 -10.12 22.34
N LYS A 314 1.11 -10.87 23.30
CA LYS A 314 1.84 -11.31 24.48
C LYS A 314 2.99 -12.24 24.10
N ALA A 315 2.73 -13.24 23.24
CA ALA A 315 3.73 -14.23 22.79
C ALA A 315 4.92 -13.60 22.09
N GLN A 316 4.69 -12.48 21.37
CA GLN A 316 5.75 -11.77 20.64
C GLN A 316 6.51 -10.82 21.57
N GLY A 317 6.06 -10.72 22.82
CA GLY A 317 6.63 -9.82 23.82
C GLY A 317 6.28 -8.37 23.53
N PHE A 318 5.10 -8.12 22.89
CA PHE A 318 4.67 -6.77 22.56
C PHE A 318 3.77 -6.19 23.67
N LEU A 319 3.14 -7.07 24.48
CA LEU A 319 2.30 -6.68 25.62
C LEU A 319 3.08 -6.79 26.93
#